data_4CCY
#
_entry.id   4CCY
#
_cell.length_a   82.110
_cell.length_b   44.010
_cell.length_c   108.660
_cell.angle_alpha   90.00
_cell.angle_beta   91.87
_cell.angle_gamma   90.00
#
_symmetry.space_group_name_H-M   'P 1 2 1'
#
loop_
_entity.id
_entity.type
_entity.pdbx_description
1 polymer 'CARBOXYLESTERASE YBFK'
2 polymer 'CARBOXYLESTERASE YBFK'
3 non-polymer 'SODIUM ION'
4 water water
#
loop_
_entity_poly.entity_id
_entity_poly.type
_entity_poly.pdbx_seq_one_letter_code
_entity_poly.pdbx_strand_id
1 'polypeptide(L)'
;MIQDSMQFAAVESGLRFYQAYDQSLSLWPIESEAFYVSTRFGKTHIIASGPKDAPSLILLHGGLFSSAMWYPNIAAWSSQ
FRTYAVDIIGDKNKSIPSAAMETRADFAEWMKDVFDSLGLETAHLAGLSLGGSHIVNFLLRAPERVERAVVISPAEAFIS
FHPDVYKYAAELTGARGAESYIKWITGDSYDLHPLLQRQIVAGVEWQDEQRSLKPTENGFPYVFTDQELKSIQVPVLLMF
GEHEAMYHQQMAFERASVLVPGIQAEIVKNAGHLLSLEQPEYVNQRVLSFL(CSO)GGIK
;
A
2 'polypeptide(L)'
;MIQDSMQFAAVESGLRFYQAYDQSLSLWPIESEAFYVSTRFGKTHIIASGPKDAPSLILLHGGLFSSAMWYPNIAAWSSQ
FRTYAVDIIGDKNKSIPSAAMETRADFAEWMKDVFDSLGLETAHLAGLSLGGSHIVNFLLRAPERVERAVVISPAEAFIS
FHPDVYKYAAELTGARGAESYIKWITGDSYDLHPLLQRQIVAGVEWQDEQRSLKPTENGFPYVFTDQELKSIQVPVLLMF
GEHEAMYHQQMAFERASVLVPGIQAEIVKNAGHLLSLEQPEYVNQRVLSFLCGGIK
;
B
#
# COMPACT_ATOMS: atom_id res chain seq x y z
N VAL A 11 15.36 -16.09 -1.95
CA VAL A 11 16.79 -15.64 -1.78
C VAL A 11 17.34 -16.01 -0.39
N GLU A 12 18.35 -15.27 0.05
CA GLU A 12 18.94 -15.42 1.38
C GLU A 12 17.88 -15.22 2.49
N SER A 13 17.11 -14.13 2.36
CA SER A 13 15.99 -13.87 3.25
C SER A 13 14.93 -14.97 3.21
N GLY A 14 14.73 -15.54 2.02
CA GLY A 14 13.76 -16.61 1.81
C GLY A 14 14.11 -17.84 2.62
N LEU A 15 15.40 -18.17 2.62
CA LEU A 15 15.91 -19.29 3.40
C LEU A 15 15.67 -19.06 4.90
N ARG A 16 15.96 -17.85 5.36
CA ARG A 16 15.76 -17.52 6.77
C ARG A 16 14.28 -17.63 7.17
N PHE A 17 13.38 -17.26 6.25
CA PHE A 17 11.95 -17.41 6.49
C PHE A 17 11.50 -18.89 6.56
N TYR A 18 11.87 -19.67 5.54
CA TYR A 18 11.60 -21.10 5.52
C TYR A 18 12.16 -21.76 6.78
N GLN A 19 13.36 -21.35 7.20
CA GLN A 19 13.95 -21.86 8.43
C GLN A 19 13.10 -21.50 9.65
N ALA A 20 12.69 -20.23 9.74
CA ALA A 20 11.83 -19.79 10.85
C ALA A 20 10.48 -20.54 10.88
N TYR A 21 9.87 -20.74 9.71
CA TYR A 21 8.62 -21.52 9.55
C TYR A 21 8.80 -22.95 10.09
N ASP A 22 9.88 -23.62 9.70
CA ASP A 22 10.16 -24.96 10.22
C ASP A 22 10.32 -24.97 11.74
N GLN A 23 10.97 -23.93 12.28
CA GLN A 23 11.06 -23.77 13.74
C GLN A 23 9.67 -23.71 14.34
N SER A 24 8.82 -22.85 13.78
CA SER A 24 7.49 -22.61 14.32
C SER A 24 6.70 -23.90 14.38
N LEU A 25 6.96 -24.79 13.44
CA LEU A 25 6.24 -26.05 13.32
C LEU A 25 6.59 -27.10 14.38
N SER A 26 7.67 -26.87 15.13
CA SER A 26 7.95 -27.69 16.31
C SER A 26 6.83 -27.56 17.36
N LEU A 27 6.02 -26.52 17.26
CA LEU A 27 4.89 -26.33 18.17
C LEU A 27 3.70 -27.21 17.82
N TRP A 28 3.73 -27.85 16.65
CA TRP A 28 2.64 -28.73 16.24
C TRP A 28 2.57 -29.90 17.20
N PRO A 29 1.44 -30.02 17.93
CA PRO A 29 1.32 -30.96 19.04
C PRO A 29 1.01 -32.41 18.63
N ILE A 30 0.73 -32.63 17.35
CA ILE A 30 0.38 -33.96 16.85
C ILE A 30 1.13 -34.26 15.55
N GLU A 31 1.05 -35.51 15.10
CA GLU A 31 1.63 -35.93 13.82
C GLU A 31 0.84 -35.31 12.67
N SER A 32 1.51 -35.07 11.55
CA SER A 32 0.85 -34.47 10.40
C SER A 32 1.63 -34.75 9.13
N GLU A 33 0.98 -34.54 8.00
CA GLU A 33 1.59 -34.77 6.69
C GLU A 33 1.63 -33.43 5.98
N ALA A 34 2.82 -33.00 5.57
CA ALA A 34 2.93 -31.77 4.78
C ALA A 34 3.12 -32.15 3.32
N PHE A 35 2.43 -31.47 2.41
CA PHE A 35 2.57 -31.74 0.95
C PHE A 35 2.01 -30.58 0.13
N TYR A 36 2.16 -30.64 -1.19
CA TYR A 36 1.60 -29.60 -2.04
C TYR A 36 0.47 -30.15 -2.89
N VAL A 37 -0.51 -29.31 -3.18
CA VAL A 37 -1.52 -29.66 -4.17
C VAL A 37 -1.45 -28.68 -5.34
N SER A 38 -1.84 -29.17 -6.51
CA SER A 38 -1.85 -28.35 -7.71
C SER A 38 -3.09 -27.48 -7.79
N THR A 39 -2.89 -26.24 -8.25
CA THR A 39 -3.99 -25.32 -8.50
C THR A 39 -3.55 -24.42 -9.64
N ARG A 40 -4.50 -23.76 -10.30
CA ARG A 40 -4.14 -22.92 -11.45
C ARG A 40 -3.44 -21.63 -11.01
N PHE A 41 -3.27 -21.45 -9.70
CA PHE A 41 -2.56 -20.31 -9.16
C PHE A 41 -1.27 -20.71 -8.47
N GLY A 42 -0.90 -21.99 -8.63
CA GLY A 42 0.36 -22.51 -8.10
C GLY A 42 0.23 -23.64 -7.08
N LYS A 43 1.38 -24.26 -6.80
CA LYS A 43 1.51 -25.32 -5.82
C LYS A 43 1.19 -24.77 -4.42
N THR A 44 0.16 -25.35 -3.79
CA THR A 44 -0.38 -24.84 -2.54
C THR A 44 -0.02 -25.81 -1.43
N HIS A 45 0.59 -25.29 -0.36
CA HIS A 45 1.07 -26.11 0.75
C HIS A 45 -0.04 -26.47 1.69
N ILE A 46 -0.09 -27.76 2.07
CA ILE A 46 -1.09 -28.29 3.00
C ILE A 46 -0.40 -28.98 4.18
N ILE A 47 -0.87 -28.72 5.40
CA ILE A 47 -0.54 -29.56 6.53
C ILE A 47 -1.80 -30.30 6.97
N ALA A 48 -1.79 -31.63 6.85
CA ALA A 48 -2.97 -32.47 7.14
C ALA A 48 -2.81 -33.31 8.41
N SER A 49 -3.84 -33.31 9.24
CA SER A 49 -3.81 -34.06 10.51
C SER A 49 -5.16 -34.71 10.78
N GLY A 50 -5.21 -35.61 11.77
CA GLY A 50 -6.48 -36.19 12.17
C GLY A 50 -6.83 -37.47 11.43
N PRO A 51 -7.89 -38.17 11.87
CA PRO A 51 -8.23 -39.48 11.32
C PRO A 51 -8.66 -39.37 9.86
N LYS A 52 -8.13 -40.27 9.02
CA LYS A 52 -8.31 -40.13 7.57
C LYS A 52 -9.74 -40.40 7.09
N ASP A 53 -10.56 -41.04 7.93
CA ASP A 53 -11.96 -41.28 7.63
C ASP A 53 -12.94 -40.26 8.26
N ALA A 54 -12.42 -39.25 8.95
CA ALA A 54 -13.25 -38.23 9.60
C ALA A 54 -13.68 -37.12 8.62
N PRO A 55 -14.80 -36.40 8.92
CA PRO A 55 -15.21 -35.31 8.02
C PRO A 55 -14.09 -34.26 7.83
N SER A 56 -14.07 -33.64 6.65
CA SER A 56 -13.03 -32.69 6.29
C SER A 56 -13.18 -31.29 6.91
N LEU A 57 -12.06 -30.71 7.34
CA LEU A 57 -12.05 -29.32 7.84
C LEU A 57 -10.85 -28.55 7.28
N ILE A 58 -11.14 -27.56 6.44
CA ILE A 58 -10.13 -26.71 5.82
C ILE A 58 -9.84 -25.56 6.78
N LEU A 59 -8.56 -25.29 7.02
CA LEU A 59 -8.17 -24.17 7.88
C LEU A 59 -7.45 -23.08 7.10
N LEU A 60 -7.90 -21.83 7.26
CA LEU A 60 -7.27 -20.71 6.58
C LEU A 60 -6.74 -19.65 7.55
N HIS A 61 -5.43 -19.48 7.56
CA HIS A 61 -4.71 -18.58 8.49
C HIS A 61 -4.92 -17.11 8.19
N GLY A 62 -4.53 -16.26 9.13
CA GLY A 62 -4.56 -14.84 8.89
C GLY A 62 -3.32 -14.42 8.10
N GLY A 63 -3.39 -13.24 7.51
CA GLY A 63 -2.29 -12.69 6.73
C GLY A 63 -0.99 -12.66 7.50
N LEU A 64 0.08 -13.10 6.83
CA LEU A 64 1.45 -13.12 7.37
C LEU A 64 1.79 -14.27 8.34
N PHE A 65 0.76 -14.95 8.86
CA PHE A 65 0.93 -15.97 9.91
C PHE A 65 1.24 -17.37 9.43
N SER A 66 0.78 -17.72 8.23
CA SER A 66 0.90 -19.09 7.69
C SER A 66 0.10 -20.10 8.53
N SER A 67 0.06 -21.34 8.06
CA SER A 67 -0.62 -22.44 8.78
C SER A 67 -0.04 -22.76 10.16
N ALA A 68 1.18 -22.30 10.42
CA ALA A 68 1.84 -22.49 11.72
C ALA A 68 1.01 -21.97 12.92
N MET A 69 0.20 -20.94 12.68
CA MET A 69 -0.60 -20.30 13.74
C MET A 69 -1.68 -21.20 14.36
N TRP A 70 -2.00 -22.30 13.70
CA TRP A 70 -2.98 -23.25 14.25
C TRP A 70 -2.47 -24.19 15.33
N TYR A 71 -1.22 -24.07 15.76
CA TYR A 71 -0.69 -24.99 16.78
C TYR A 71 -1.55 -25.13 18.06
N PRO A 72 -2.16 -24.04 18.58
CA PRO A 72 -2.90 -24.27 19.83
C PRO A 72 -4.35 -24.72 19.64
N ASN A 73 -4.77 -24.86 18.39
CA ASN A 73 -6.12 -25.31 18.08
C ASN A 73 -6.15 -26.68 17.43
N ILE A 74 -5.02 -27.08 16.83
CA ILE A 74 -5.02 -28.25 15.95
C ILE A 74 -5.30 -29.59 16.63
N ALA A 75 -4.81 -29.76 17.86
CA ALA A 75 -5.10 -31.03 18.56
C ALA A 75 -6.60 -31.22 18.81
N ALA A 76 -7.26 -30.19 19.33
CA ALA A 76 -8.72 -30.27 19.58
C ALA A 76 -9.52 -30.59 18.30
N TRP A 77 -9.21 -29.89 17.21
CA TRP A 77 -10.00 -30.05 15.99
C TRP A 77 -9.69 -31.30 15.21
N SER A 78 -8.49 -31.84 15.40
CA SER A 78 -8.08 -33.04 14.66
C SER A 78 -8.35 -34.34 15.39
N SER A 79 -9.08 -34.26 16.51
CA SER A 79 -9.62 -35.47 17.15
C SER A 79 -10.80 -35.96 16.33
N GLN A 80 -11.63 -35.04 15.87
CA GLN A 80 -12.91 -35.40 15.24
C GLN A 80 -12.95 -35.09 13.76
N PHE A 81 -11.96 -34.36 13.27
CA PHE A 81 -11.92 -33.98 11.85
C PHE A 81 -10.58 -34.29 11.22
N ARG A 82 -10.62 -34.61 9.94
CA ARG A 82 -9.42 -34.59 9.12
C ARG A 82 -9.21 -33.13 8.74
N THR A 83 -8.23 -32.49 9.37
CA THR A 83 -7.95 -31.07 9.13
C THR A 83 -6.89 -30.87 8.06
N TYR A 84 -7.15 -29.91 7.18
CA TYR A 84 -6.23 -29.51 6.15
C TYR A 84 -5.91 -28.03 6.35
N ALA A 85 -4.71 -27.74 6.83
CA ALA A 85 -4.29 -26.36 7.04
C ALA A 85 -3.62 -25.85 5.77
N VAL A 86 -4.28 -24.90 5.13
CA VAL A 86 -3.92 -24.47 3.77
C VAL A 86 -3.18 -23.12 3.82
N ASP A 87 -2.00 -23.07 3.20
CA ASP A 87 -1.21 -21.84 3.14
C ASP A 87 -1.73 -20.98 1.99
N ILE A 88 -2.25 -19.81 2.32
CA ILE A 88 -2.88 -18.97 1.30
C ILE A 88 -1.82 -18.51 0.30
N ILE A 89 -2.02 -18.87 -0.96
CA ILE A 89 -1.07 -18.58 -2.01
C ILE A 89 -1.03 -17.07 -2.26
N GLY A 90 0.18 -16.53 -2.38
CA GLY A 90 0.36 -15.08 -2.54
C GLY A 90 0.64 -14.35 -1.24
N ASP A 91 0.75 -15.10 -0.15
CA ASP A 91 1.15 -14.57 1.14
C ASP A 91 2.48 -15.22 1.57
N LYS A 92 3.07 -14.74 2.64
CA LYS A 92 4.38 -15.23 3.09
C LYS A 92 4.24 -16.58 3.82
N ASN A 93 4.53 -17.65 3.07
CA ASN A 93 4.35 -19.02 3.52
C ASN A 93 4.91 -19.94 2.43
N LYS A 94 4.57 -21.23 2.48
CA LYS A 94 5.21 -22.22 1.60
C LYS A 94 4.50 -22.45 0.27
N SER A 95 3.32 -21.86 0.09
CA SER A 95 2.65 -21.93 -1.20
C SER A 95 3.45 -21.12 -2.24
N ILE A 96 3.49 -21.63 -3.48
CA ILE A 96 4.37 -21.08 -4.54
C ILE A 96 3.55 -20.48 -5.70
N PRO A 97 3.40 -19.16 -5.72
CA PRO A 97 2.53 -18.56 -6.73
C PRO A 97 3.02 -18.77 -8.17
N SER A 98 2.09 -19.14 -9.05
CA SER A 98 2.29 -19.03 -10.50
C SER A 98 1.54 -17.78 -10.96
N ALA A 99 0.44 -17.94 -11.70
CA ALA A 99 -0.45 -16.80 -12.00
C ALA A 99 -0.92 -16.12 -10.73
N ALA A 100 -0.82 -14.80 -10.69
CA ALA A 100 -1.28 -14.03 -9.55
C ALA A 100 -2.79 -14.20 -9.33
N MET A 101 -3.17 -14.45 -8.09
CA MET A 101 -4.55 -14.57 -7.69
C MET A 101 -5.04 -13.18 -7.32
N GLU A 102 -5.99 -12.65 -8.09
CA GLU A 102 -6.26 -11.19 -8.07
C GLU A 102 -7.67 -10.74 -7.69
N THR A 103 -8.68 -11.45 -8.17
CA THR A 103 -10.06 -11.02 -7.98
C THR A 103 -10.73 -11.99 -7.01
N ARG A 104 -11.89 -11.61 -6.47
CA ARG A 104 -12.64 -12.51 -5.58
C ARG A 104 -13.09 -13.80 -6.28
N ALA A 105 -13.31 -13.72 -7.59
CA ALA A 105 -13.59 -14.90 -8.42
C ALA A 105 -12.38 -15.84 -8.42
N ASP A 106 -11.18 -15.29 -8.64
CA ASP A 106 -9.93 -16.04 -8.52
C ASP A 106 -9.81 -16.79 -7.18
N PHE A 107 -10.07 -16.08 -6.08
CA PHE A 107 -9.93 -16.68 -4.75
C PHE A 107 -10.75 -17.95 -4.64
N ALA A 108 -12.01 -17.88 -5.08
CA ALA A 108 -12.91 -19.04 -5.01
C ALA A 108 -12.48 -20.15 -5.98
N GLU A 109 -11.97 -19.77 -7.14
CA GLU A 109 -11.43 -20.77 -8.07
C GLU A 109 -10.20 -21.49 -7.51
N TRP A 110 -9.31 -20.74 -6.87
CA TRP A 110 -8.16 -21.30 -6.15
C TRP A 110 -8.61 -22.36 -5.15
N MET A 111 -9.61 -22.03 -4.33
CA MET A 111 -10.09 -22.96 -3.31
C MET A 111 -10.79 -24.19 -3.89
N LYS A 112 -11.53 -24.02 -5.00
CA LYS A 112 -12.10 -25.17 -5.71
C LYS A 112 -11.03 -26.15 -6.16
N ASP A 113 -9.92 -25.62 -6.71
CA ASP A 113 -8.77 -26.45 -7.11
C ASP A 113 -8.17 -27.19 -5.91
N VAL A 114 -8.04 -26.49 -4.78
CA VAL A 114 -7.54 -27.12 -3.56
C VAL A 114 -8.46 -28.29 -3.17
N PHE A 115 -9.76 -28.02 -3.06
CA PHE A 115 -10.77 -29.07 -2.80
C PHE A 115 -10.62 -30.24 -3.76
N ASP A 116 -10.57 -29.91 -5.06
CA ASP A 116 -10.45 -30.92 -6.13
C ASP A 116 -9.20 -31.78 -6.00
N SER A 117 -8.04 -31.15 -5.83
CA SER A 117 -6.78 -31.87 -5.66
C SER A 117 -6.73 -32.72 -4.37
N LEU A 118 -7.54 -32.33 -3.39
CA LEU A 118 -7.65 -33.08 -2.13
C LEU A 118 -8.70 -34.20 -2.22
N GLY A 119 -9.50 -34.20 -3.30
CA GLY A 119 -10.53 -35.21 -3.52
C GLY A 119 -11.78 -34.93 -2.70
N LEU A 120 -12.03 -33.66 -2.37
CA LEU A 120 -13.13 -33.32 -1.49
C LEU A 120 -14.31 -32.75 -2.26
N GLU A 121 -15.49 -33.31 -2.00
CA GLU A 121 -16.71 -32.76 -2.54
C GLU A 121 -17.15 -31.57 -1.67
N THR A 122 -17.23 -31.78 -0.35
CA THR A 122 -17.54 -30.70 0.60
C THR A 122 -16.60 -30.70 1.80
N ALA A 123 -16.65 -29.63 2.59
CA ALA A 123 -15.86 -29.52 3.81
C ALA A 123 -16.40 -28.44 4.74
N HIS A 124 -16.07 -28.60 6.02
CA HIS A 124 -16.14 -27.48 6.95
C HIS A 124 -14.96 -26.58 6.68
N LEU A 125 -15.13 -25.28 6.95
CA LEU A 125 -14.01 -24.35 6.87
C LEU A 125 -13.92 -23.50 8.14
N ALA A 126 -12.68 -23.23 8.59
CA ALA A 126 -12.48 -22.29 9.70
C ALA A 126 -11.32 -21.41 9.36
N GLY A 127 -11.47 -20.12 9.62
CA GLY A 127 -10.44 -19.17 9.22
C GLY A 127 -10.36 -17.90 10.03
N LEU A 128 -9.18 -17.32 10.05
CA LEU A 128 -8.94 -16.09 10.78
C LEU A 128 -8.52 -14.95 9.85
N SER A 129 -9.10 -13.77 10.05
CA SER A 129 -8.68 -12.56 9.35
C SER A 129 -8.81 -12.74 7.83
N LEU A 130 -7.71 -12.64 7.08
CA LEU A 130 -7.69 -12.94 5.63
C LEU A 130 -8.37 -14.27 5.25
N GLY A 131 -7.98 -15.35 5.91
CA GLY A 131 -8.63 -16.64 5.66
C GLY A 131 -10.10 -16.61 6.02
N GLY A 132 -10.47 -15.83 7.03
CA GLY A 132 -11.87 -15.63 7.35
C GLY A 132 -12.61 -14.97 6.19
N SER A 133 -12.01 -13.93 5.62
CA SER A 133 -12.58 -13.26 4.44
C SER A 133 -12.60 -14.16 3.22
N HIS A 134 -11.61 -15.02 3.05
CA HIS A 134 -11.68 -16.07 2.00
C HIS A 134 -12.88 -16.95 2.16
N ILE A 135 -13.16 -17.33 3.42
CA ILE A 135 -14.26 -18.24 3.69
C ILE A 135 -15.61 -17.62 3.38
N VAL A 136 -15.82 -16.36 3.74
CA VAL A 136 -17.07 -15.68 3.43
C VAL A 136 -17.24 -15.62 1.90
N ASN A 137 -16.18 -15.25 1.21
CA ASN A 137 -16.19 -15.23 -0.26
C ASN A 137 -16.48 -16.62 -0.87
N PHE A 138 -15.83 -17.65 -0.33
CA PHE A 138 -16.05 -19.03 -0.79
C PHE A 138 -17.48 -19.55 -0.57
N LEU A 139 -18.04 -19.37 0.63
CA LEU A 139 -19.39 -19.86 0.91
C LEU A 139 -20.45 -19.12 0.07
N LEU A 140 -20.17 -17.88 -0.32
CA LEU A 140 -21.04 -17.13 -1.22
C LEU A 140 -20.95 -17.64 -2.66
N ARG A 141 -19.73 -17.88 -3.12
CA ARG A 141 -19.53 -18.28 -4.52
C ARG A 141 -19.58 -19.78 -4.74
N ALA A 142 -19.36 -20.57 -3.68
CA ALA A 142 -19.38 -22.02 -3.82
C ALA A 142 -20.08 -22.70 -2.66
N PRO A 143 -21.33 -22.28 -2.35
CA PRO A 143 -22.02 -22.81 -1.18
C PRO A 143 -22.19 -24.32 -1.24
N GLU A 144 -22.26 -24.87 -2.45
CA GLU A 144 -22.45 -26.31 -2.64
C GLU A 144 -21.26 -27.13 -2.14
N ARG A 145 -20.12 -26.47 -1.94
CA ARG A 145 -18.91 -27.14 -1.49
C ARG A 145 -18.67 -26.97 0.01
N VAL A 146 -19.55 -26.26 0.68
CA VAL A 146 -19.37 -25.93 2.10
C VAL A 146 -20.37 -26.66 2.98
N GLU A 147 -19.86 -27.32 4.03
CA GLU A 147 -20.70 -27.80 5.13
C GLU A 147 -21.01 -26.63 6.09
N ARG A 148 -20.17 -26.44 7.12
CA ARG A 148 -20.33 -25.34 8.08
C ARG A 148 -19.12 -24.42 8.05
N ALA A 149 -19.33 -23.14 8.33
CA ALA A 149 -18.26 -22.15 8.15
C ALA A 149 -18.03 -21.35 9.42
N VAL A 150 -16.75 -21.22 9.80
CA VAL A 150 -16.33 -20.46 10.98
C VAL A 150 -15.43 -19.29 10.56
N VAL A 151 -15.86 -18.08 10.89
CA VAL A 151 -15.16 -16.87 10.50
C VAL A 151 -14.71 -16.12 11.76
N ILE A 152 -13.40 -16.06 11.96
CA ILE A 152 -12.81 -15.42 13.16
C ILE A 152 -12.03 -14.14 12.80
N SER A 153 -12.40 -13.03 13.42
CA SER A 153 -11.74 -11.73 13.23
C SER A 153 -11.47 -11.42 11.77
N PRO A 154 -12.54 -11.41 10.94
CA PRO A 154 -12.33 -11.31 9.49
C PRO A 154 -11.67 -9.99 9.08
N ALA A 155 -10.89 -10.05 8.01
CA ALA A 155 -10.27 -8.87 7.42
C ALA A 155 -11.36 -8.14 6.64
N GLU A 156 -11.90 -7.07 7.23
CA GLU A 156 -13.12 -6.41 6.74
C GLU A 156 -14.27 -7.41 6.59
N ALA A 157 -14.82 -7.53 5.39
CA ALA A 157 -15.94 -8.42 5.10
C ALA A 157 -17.28 -7.90 5.64
N PHE A 158 -17.35 -7.61 6.93
CA PHE A 158 -18.59 -7.12 7.54
C PHE A 158 -18.64 -5.63 7.83
N ILE A 159 -17.47 -5.00 7.95
CA ILE A 159 -17.34 -3.57 8.16
C ILE A 159 -15.97 -3.09 7.64
N SER A 160 -15.85 -1.79 7.36
CA SER A 160 -14.60 -1.18 6.85
C SER A 160 -13.51 -1.11 7.92
N PHE A 161 -12.25 -1.21 7.49
CA PHE A 161 -11.09 -1.05 8.39
C PHE A 161 -11.04 0.37 8.93
N HIS A 162 -10.43 0.55 10.09
CA HIS A 162 -9.98 1.88 10.50
C HIS A 162 -8.95 2.29 9.48
N PRO A 163 -8.95 3.58 9.09
CA PRO A 163 -7.93 4.19 8.23
C PRO A 163 -6.48 3.79 8.60
N ASP A 164 -6.21 3.67 9.91
CA ASP A 164 -4.94 3.16 10.48
C ASP A 164 -4.41 1.92 9.78
N VAL A 165 -5.31 0.98 9.48
CA VAL A 165 -4.93 -0.34 8.99
C VAL A 165 -4.00 -0.24 7.78
N TYR A 166 -4.31 0.70 6.90
CA TYR A 166 -3.50 0.90 5.70
C TYR A 166 -2.10 1.45 5.99
N LYS A 167 -1.94 2.25 7.04
CA LYS A 167 -0.60 2.73 7.42
C LYS A 167 0.28 1.55 7.87
N TYR A 168 -0.28 0.69 8.72
CA TYR A 168 0.40 -0.50 9.21
C TYR A 168 0.75 -1.44 8.06
N ALA A 169 -0.22 -1.68 7.18
CA ALA A 169 -0.01 -2.48 5.97
C ALA A 169 1.11 -1.89 5.09
N ALA A 170 1.07 -0.58 4.87
CA ALA A 170 2.03 0.07 3.96
C ALA A 170 3.47 0.01 4.46
N GLU A 171 3.63 -0.13 5.77
CA GLU A 171 4.96 -0.18 6.39
C GLU A 171 5.55 -1.59 6.54
N LEU A 172 4.92 -2.58 5.94
CA LEU A 172 5.42 -3.96 6.00
C LEU A 172 6.51 -4.19 4.96
N THR A 173 7.61 -3.45 5.10
CA THR A 173 8.68 -3.43 4.12
C THR A 173 10.00 -3.95 4.68
N GLY A 174 10.01 -4.23 5.98
CA GLY A 174 11.18 -4.70 6.70
C GLY A 174 10.82 -5.02 8.14
N ALA A 175 11.83 -5.26 8.97
CA ALA A 175 11.64 -5.72 10.35
C ALA A 175 10.91 -4.70 11.24
N ARG A 176 11.34 -3.45 11.22
CA ARG A 176 10.70 -2.37 11.97
C ARG A 176 9.20 -2.34 11.75
N GLY A 177 8.80 -2.44 10.48
CA GLY A 177 7.38 -2.42 10.12
C GLY A 177 6.60 -3.61 10.67
N ALA A 178 7.22 -4.79 10.61
CA ALA A 178 6.61 -6.02 11.09
C ALA A 178 6.39 -5.99 12.61
N GLU A 179 7.40 -5.52 13.36
CA GLU A 179 7.31 -5.39 14.81
C GLU A 179 6.23 -4.40 15.20
N SER A 180 6.19 -3.27 14.48
CA SER A 180 5.16 -2.25 14.70
C SER A 180 3.77 -2.84 14.46
N TYR A 181 3.63 -3.61 13.37
CA TYR A 181 2.37 -4.28 13.06
C TYR A 181 1.96 -5.24 14.17
N ILE A 182 2.92 -6.05 14.60
CA ILE A 182 2.70 -7.09 15.60
C ILE A 182 2.27 -6.47 16.93
N LYS A 183 2.99 -5.42 17.34
CA LYS A 183 2.74 -4.76 18.61
C LYS A 183 1.31 -4.20 18.66
N TRP A 184 0.87 -3.70 17.51
CA TRP A 184 -0.44 -3.08 17.36
C TRP A 184 -1.53 -4.11 17.31
N ILE A 185 -1.34 -5.16 16.51
CA ILE A 185 -2.37 -6.17 16.29
C ILE A 185 -2.59 -7.08 17.53
N THR A 186 -1.52 -7.39 18.24
CA THR A 186 -1.62 -8.23 19.43
C THR A 186 -2.31 -7.50 20.57
N GLY A 187 -2.02 -6.21 20.73
CA GLY A 187 -2.52 -5.42 21.85
C GLY A 187 -1.62 -5.59 23.06
N ASP A 188 -1.90 -4.83 24.11
CA ASP A 188 -1.01 -4.81 25.27
C ASP A 188 -1.13 -6.03 26.19
N SER A 189 -2.11 -6.89 25.92
CA SER A 189 -2.37 -8.05 26.77
C SER A 189 -1.85 -9.37 26.23
N TYR A 190 -1.41 -9.39 24.98
CA TYR A 190 -0.97 -10.64 24.38
C TYR A 190 0.37 -10.52 23.65
N ASP A 191 1.25 -11.48 23.91
CA ASP A 191 2.50 -11.63 23.16
C ASP A 191 2.43 -12.93 22.39
N LEU A 192 2.82 -12.89 21.12
CA LEU A 192 2.97 -14.10 20.34
C LEU A 192 4.01 -14.99 20.99
N HIS A 193 3.90 -16.30 20.76
CA HIS A 193 5.02 -17.18 21.05
C HIS A 193 6.23 -16.66 20.31
N PRO A 194 7.42 -16.69 20.94
CA PRO A 194 8.63 -16.18 20.26
C PRO A 194 8.89 -16.75 18.85
N LEU A 195 8.54 -18.01 18.63
CA LEU A 195 8.75 -18.64 17.33
C LEU A 195 7.90 -17.96 16.26
N LEU A 196 6.64 -17.68 16.59
CA LEU A 196 5.74 -17.00 15.66
C LEU A 196 6.14 -15.55 15.40
N GLN A 197 6.54 -14.85 16.45
CA GLN A 197 7.08 -13.50 16.36
C GLN A 197 8.20 -13.48 15.32
N ARG A 198 9.13 -14.41 15.47
CA ARG A 198 10.30 -14.47 14.60
C ARG A 198 9.94 -14.74 13.14
N GLN A 199 9.05 -15.72 12.93
CA GLN A 199 8.64 -16.13 11.59
C GLN A 199 7.99 -15.00 10.82
N ILE A 200 7.03 -14.33 11.45
CA ILE A 200 6.32 -13.22 10.85
C ILE A 200 7.27 -12.07 10.46
N VAL A 201 8.20 -11.75 11.35
CA VAL A 201 9.23 -10.72 11.10
C VAL A 201 10.08 -11.12 9.90
N ALA A 202 10.53 -12.38 9.88
CA ALA A 202 11.37 -12.90 8.79
C ALA A 202 10.59 -12.97 7.47
N GLY A 203 9.29 -13.21 7.58
CA GLY A 203 8.40 -13.21 6.43
C GLY A 203 8.39 -11.86 5.75
N VAL A 204 8.24 -10.81 6.55
CA VAL A 204 8.23 -9.44 6.07
C VAL A 204 9.61 -9.02 5.54
N GLU A 205 10.68 -9.46 6.20
CA GLU A 205 12.05 -9.19 5.71
C GLU A 205 12.32 -9.77 4.34
N TRP A 206 11.72 -10.92 4.05
CA TRP A 206 11.85 -11.56 2.75
C TRP A 206 11.14 -10.73 1.71
N GLN A 207 11.90 -10.13 0.82
CA GLN A 207 11.35 -9.30 -0.24
C GLN A 207 10.95 -10.14 -1.45
N ASP A 208 9.69 -10.55 -1.49
CA ASP A 208 9.18 -11.35 -2.61
C ASP A 208 7.79 -10.81 -2.97
N GLU A 209 7.71 -10.14 -4.11
CA GLU A 209 6.47 -9.43 -4.46
C GLU A 209 5.28 -10.34 -4.76
N GLN A 210 5.57 -11.54 -5.29
CA GLN A 210 4.56 -12.56 -5.55
C GLN A 210 3.89 -13.10 -4.28
N ARG A 211 4.58 -12.95 -3.14
CA ARG A 211 4.08 -13.42 -1.86
C ARG A 211 3.78 -12.25 -0.91
N SER A 212 3.71 -11.05 -1.47
CA SER A 212 3.36 -9.86 -0.71
C SER A 212 1.89 -9.57 -0.90
N LEU A 213 1.14 -9.54 0.20
CA LEU A 213 -0.26 -9.20 0.15
C LEU A 213 -0.41 -7.75 -0.26
N LYS A 214 -1.31 -7.50 -1.20
CA LYS A 214 -1.59 -6.14 -1.65
C LYS A 214 -3.05 -5.99 -2.08
N PRO A 215 -3.63 -4.79 -1.89
CA PRO A 215 -5.00 -4.54 -2.36
C PRO A 215 -5.10 -4.63 -3.88
N THR A 216 -6.14 -5.29 -4.37
CA THR A 216 -6.37 -5.38 -5.82
C THR A 216 -7.80 -4.96 -6.16
N GLU A 217 -7.96 -4.40 -7.35
CA GLU A 217 -9.24 -3.86 -7.84
C GLU A 217 -10.52 -4.58 -7.36
N ASN A 218 -10.73 -5.81 -7.81
CA ASN A 218 -11.92 -6.54 -7.42
C ASN A 218 -11.57 -7.73 -6.53
N GLY A 219 -10.66 -7.49 -5.58
CA GLY A 219 -10.21 -8.52 -4.61
C GLY A 219 -10.44 -8.09 -3.17
N PHE A 220 -9.39 -8.19 -2.37
CA PHE A 220 -9.43 -7.76 -0.98
C PHE A 220 -8.57 -6.50 -0.78
N PRO A 221 -8.80 -5.75 0.32
CA PRO A 221 -9.88 -5.97 1.29
C PRO A 221 -11.24 -5.63 0.70
N TYR A 222 -12.29 -6.27 1.22
CA TYR A 222 -13.63 -6.05 0.71
C TYR A 222 -14.68 -6.12 1.81
N VAL A 223 -15.65 -5.21 1.75
CA VAL A 223 -16.84 -5.27 2.62
C VAL A 223 -18.01 -5.84 1.79
N PHE A 224 -18.53 -6.97 2.21
CA PHE A 224 -19.65 -7.59 1.48
C PHE A 224 -20.89 -6.72 1.62
N THR A 225 -21.68 -6.60 0.55
CA THR A 225 -22.85 -5.73 0.57
C THR A 225 -23.99 -6.41 1.33
N ASP A 226 -24.99 -5.63 1.73
CA ASP A 226 -26.21 -6.19 2.32
C ASP A 226 -26.75 -7.28 1.39
N GLN A 227 -26.80 -6.98 0.10
CA GLN A 227 -27.26 -7.90 -0.93
C GLN A 227 -26.55 -9.25 -0.86
N GLU A 228 -25.22 -9.24 -0.78
CA GLU A 228 -24.46 -10.49 -0.71
C GLU A 228 -24.71 -11.22 0.61
N LEU A 229 -24.67 -10.49 1.71
CA LEU A 229 -24.77 -11.09 3.05
C LEU A 229 -26.14 -11.73 3.30
N LYS A 230 -27.20 -11.09 2.82
CA LYS A 230 -28.55 -11.62 2.96
C LYS A 230 -28.74 -12.94 2.19
N SER A 231 -27.88 -13.17 1.19
CA SER A 231 -27.97 -14.36 0.33
C SER A 231 -27.24 -15.59 0.84
N ILE A 232 -26.51 -15.46 1.95
CA ILE A 232 -25.79 -16.60 2.54
C ILE A 232 -26.76 -17.72 2.93
N GLN A 233 -26.45 -18.93 2.48
CA GLN A 233 -27.29 -20.11 2.65
C GLN A 233 -26.60 -21.27 3.38
N VAL A 234 -25.53 -20.98 4.14
CA VAL A 234 -24.86 -22.02 4.95
C VAL A 234 -24.71 -21.56 6.39
N PRO A 235 -24.60 -22.49 7.36
CA PRO A 235 -24.38 -22.10 8.75
C PRO A 235 -23.03 -21.42 8.96
N VAL A 236 -23.06 -20.22 9.52
CA VAL A 236 -21.87 -19.44 9.79
C VAL A 236 -21.76 -19.21 11.30
N LEU A 237 -20.56 -19.42 11.83
CA LEU A 237 -20.17 -18.93 13.16
C LEU A 237 -19.19 -17.77 12.98
N LEU A 238 -19.56 -16.61 13.52
CA LEU A 238 -18.75 -15.39 13.42
C LEU A 238 -18.26 -14.92 14.79
N MET A 239 -16.94 -14.79 14.94
CA MET A 239 -16.36 -14.45 16.23
C MET A 239 -15.45 -13.22 16.11
N PHE A 240 -15.67 -12.26 16.98
CA PHE A 240 -14.76 -11.12 17.11
C PHE A 240 -14.21 -11.08 18.53
N GLY A 241 -13.07 -10.41 18.70
CA GLY A 241 -12.52 -10.14 20.02
C GLY A 241 -12.91 -8.74 20.45
N GLU A 242 -13.25 -8.57 21.73
CA GLU A 242 -13.68 -7.25 22.22
C GLU A 242 -12.67 -6.12 22.02
N HIS A 243 -11.39 -6.49 21.90
CA HIS A 243 -10.27 -5.54 21.74
C HIS A 243 -9.73 -5.42 20.32
N GLU A 244 -10.50 -5.89 19.33
CA GLU A 244 -10.15 -5.85 17.90
C GLU A 244 -9.65 -4.48 17.43
N ALA A 245 -8.38 -4.42 17.03
CA ALA A 245 -7.70 -3.15 16.73
C ALA A 245 -7.99 -2.62 15.32
N MET A 246 -8.48 -3.47 14.44
CA MET A 246 -8.56 -3.18 13.01
C MET A 246 -9.85 -2.50 12.54
N TYR A 247 -10.91 -2.59 13.37
CA TYR A 247 -12.20 -2.00 13.04
C TYR A 247 -13.13 -1.98 14.26
N HIS A 248 -14.33 -1.43 14.06
CA HIS A 248 -15.34 -1.42 15.12
C HIS A 248 -16.10 -2.72 15.09
N GLN A 249 -15.68 -3.66 15.92
CA GLN A 249 -16.28 -5.00 15.89
C GLN A 249 -17.75 -5.00 16.33
N GLN A 250 -18.17 -3.99 17.11
CA GLN A 250 -19.59 -3.88 17.47
C GLN A 250 -20.48 -3.70 16.21
N MET A 251 -20.13 -2.72 15.38
CA MET A 251 -20.81 -2.47 14.11
C MET A 251 -20.78 -3.68 13.16
N ALA A 252 -19.64 -4.37 13.08
CA ALA A 252 -19.52 -5.57 12.25
C ALA A 252 -20.46 -6.66 12.77
N PHE A 253 -20.44 -6.87 14.08
CA PHE A 253 -21.35 -7.79 14.77
C PHE A 253 -22.84 -7.46 14.51
N GLU A 254 -23.24 -6.22 14.81
CA GLU A 254 -24.61 -5.78 14.57
C GLU A 254 -25.06 -6.02 13.10
N ARG A 255 -24.22 -5.57 12.17
CA ARG A 255 -24.50 -5.75 10.73
C ARG A 255 -24.65 -7.23 10.33
N ALA A 256 -23.69 -8.06 10.72
CA ALA A 256 -23.74 -9.49 10.40
C ALA A 256 -24.98 -10.16 11.01
N SER A 257 -25.26 -9.85 12.27
CA SER A 257 -26.40 -10.40 12.99
C SER A 257 -27.72 -10.08 12.28
N VAL A 258 -27.83 -8.87 11.74
CA VAL A 258 -29.05 -8.43 11.07
C VAL A 258 -29.22 -9.11 9.71
N LEU A 259 -28.12 -9.20 8.96
CA LEU A 259 -28.20 -9.58 7.54
C LEU A 259 -28.10 -11.06 7.24
N VAL A 260 -27.25 -11.79 7.96
CA VAL A 260 -26.95 -13.18 7.62
C VAL A 260 -27.92 -14.16 8.29
N PRO A 261 -28.75 -14.89 7.48
CA PRO A 261 -29.74 -15.84 8.01
C PRO A 261 -29.14 -16.97 8.87
N GLY A 262 -29.63 -17.09 10.11
CA GLY A 262 -29.21 -18.15 11.02
C GLY A 262 -27.81 -18.03 11.57
N ILE A 263 -27.19 -16.86 11.44
CA ILE A 263 -25.80 -16.65 11.90
C ILE A 263 -25.68 -16.79 13.43
N GLN A 264 -24.59 -17.40 13.86
CA GLN A 264 -24.19 -17.33 15.26
C GLN A 264 -22.99 -16.40 15.32
N ALA A 265 -23.22 -15.21 15.85
CA ALA A 265 -22.17 -14.19 15.94
C ALA A 265 -22.00 -13.78 17.40
N GLU A 266 -20.75 -13.54 17.79
CA GLU A 266 -20.40 -13.18 19.16
C GLU A 266 -19.15 -12.33 19.24
N ILE A 267 -19.00 -11.63 20.37
CA ILE A 267 -17.81 -10.87 20.66
C ILE A 267 -17.23 -11.40 21.98
N VAL A 268 -16.00 -11.90 21.92
CA VAL A 268 -15.36 -12.59 23.03
C VAL A 268 -14.54 -11.62 23.90
N LYS A 269 -14.74 -11.72 25.22
CA LYS A 269 -14.03 -10.91 26.20
C LYS A 269 -12.58 -11.26 26.30
N ASN A 270 -11.77 -10.25 26.60
CA ASN A 270 -10.35 -10.40 26.91
C ASN A 270 -9.57 -10.96 25.74
N ALA A 271 -9.95 -10.51 24.54
CA ALA A 271 -9.21 -10.88 23.36
C ALA A 271 -9.27 -9.76 22.35
N GLY A 272 -8.23 -9.68 21.52
CA GLY A 272 -8.23 -8.76 20.38
C GLY A 272 -8.47 -9.49 19.08
N HIS A 273 -7.75 -9.06 18.04
CA HIS A 273 -7.79 -9.64 16.70
C HIS A 273 -7.43 -11.09 16.66
N LEU A 274 -6.38 -11.47 17.40
CA LEU A 274 -5.78 -12.81 17.29
C LEU A 274 -6.48 -13.83 18.19
N LEU A 275 -7.79 -13.95 17.99
CA LEU A 275 -8.68 -14.64 18.92
C LEU A 275 -8.35 -16.14 19.10
N SER A 276 -7.99 -16.82 18.02
CA SER A 276 -7.69 -18.24 18.12
C SER A 276 -6.38 -18.49 18.88
N LEU A 277 -5.49 -17.48 18.89
CA LEU A 277 -4.22 -17.58 19.61
C LEU A 277 -4.32 -17.12 21.06
N GLU A 278 -5.13 -16.09 21.30
CA GLU A 278 -5.33 -15.50 22.63
C GLU A 278 -6.24 -16.28 23.57
N GLN A 279 -7.31 -16.85 23.02
CA GLN A 279 -8.26 -17.62 23.82
C GLN A 279 -8.48 -18.99 23.19
N PRO A 280 -7.39 -19.78 23.04
CA PRO A 280 -7.50 -21.04 22.33
C PRO A 280 -8.47 -22.04 23.00
N GLU A 281 -8.49 -22.08 24.34
CA GLU A 281 -9.36 -23.01 25.06
C GLU A 281 -10.83 -22.77 24.67
N TYR A 282 -11.27 -21.51 24.78
CA TYR A 282 -12.63 -21.16 24.40
C TYR A 282 -12.94 -21.39 22.91
N VAL A 283 -12.09 -20.84 22.03
CA VAL A 283 -12.26 -20.99 20.58
C VAL A 283 -12.27 -22.46 20.17
N ASN A 284 -11.35 -23.26 20.71
CA ASN A 284 -11.30 -24.69 20.41
C ASN A 284 -12.65 -25.39 20.59
N GLN A 285 -13.24 -25.23 21.78
CA GLN A 285 -14.51 -25.90 22.10
C GLN A 285 -15.70 -25.28 21.36
N ARG A 286 -15.72 -23.95 21.24
CA ARG A 286 -16.81 -23.25 20.56
C ARG A 286 -16.95 -23.71 19.11
N VAL A 287 -15.81 -23.83 18.45
CA VAL A 287 -15.78 -24.33 17.08
C VAL A 287 -16.19 -25.80 17.01
N LEU A 288 -15.67 -26.65 17.91
CA LEU A 288 -16.10 -28.07 17.93
C LEU A 288 -17.62 -28.18 18.08
N SER A 289 -18.17 -27.43 19.04
CA SER A 289 -19.62 -27.38 19.29
C SER A 289 -20.41 -26.95 18.05
N PHE A 290 -19.94 -25.88 17.39
CA PHE A 290 -20.60 -25.41 16.19
C PHE A 290 -20.47 -26.43 15.05
N LEU A 291 -19.25 -26.91 14.80
CA LEU A 291 -19.04 -27.83 13.67
C LEU A 291 -19.85 -29.11 13.75
N GLY A 293 -22.70 -29.28 15.20
CA GLY A 293 -24.09 -28.86 15.37
C GLY A 293 -25.06 -29.22 14.26
N GLY A 294 -24.57 -29.75 13.14
CA GLY A 294 -25.45 -30.11 12.02
C GLY A 294 -26.36 -31.30 12.31
N ILE A 295 -27.55 -31.29 11.70
CA ILE A 295 -28.49 -32.40 11.82
C ILE A 295 -28.42 -33.34 10.61
N VAL B 11 -0.76 -2.16 -21.38
CA VAL B 11 -0.30 -2.16 -22.80
C VAL B 11 -1.30 -1.38 -23.65
N GLU B 12 -2.53 -1.90 -23.75
CA GLU B 12 -3.65 -1.16 -24.31
C GLU B 12 -3.95 0.10 -23.47
N SER B 13 -4.00 -0.07 -22.16
CA SER B 13 -4.20 1.05 -21.24
C SER B 13 -2.95 1.95 -21.15
N GLY B 14 -1.79 1.38 -21.52
CA GLY B 14 -0.55 2.15 -21.62
C GLY B 14 -0.64 3.18 -22.73
N LEU B 15 -1.08 2.72 -23.91
CA LEU B 15 -1.32 3.59 -25.06
C LEU B 15 -2.34 4.68 -24.74
N ARG B 16 -3.40 4.30 -24.01
CA ARG B 16 -4.44 5.24 -23.58
C ARG B 16 -3.89 6.31 -22.65
N PHE B 17 -2.98 5.92 -21.75
CA PHE B 17 -2.30 6.87 -20.88
C PHE B 17 -1.41 7.82 -21.68
N TYR B 18 -0.64 7.27 -22.61
CA TYR B 18 0.25 8.07 -23.46
C TYR B 18 -0.54 9.10 -24.27
N GLN B 19 -1.65 8.66 -24.85
CA GLN B 19 -2.58 9.53 -25.57
C GLN B 19 -3.14 10.63 -24.69
N ALA B 20 -3.51 10.32 -23.46
CA ALA B 20 -4.06 11.31 -22.54
C ALA B 20 -3.01 12.34 -22.09
N TYR B 21 -1.78 11.88 -21.89
CA TYR B 21 -0.61 12.73 -21.57
C TYR B 21 -0.35 13.69 -22.73
N ASP B 22 -0.23 13.16 -23.95
CA ASP B 22 -0.03 14.01 -25.13
C ASP B 22 -1.11 15.08 -25.28
N GLN B 23 -2.35 14.72 -24.98
CA GLN B 23 -3.45 15.69 -24.99
C GLN B 23 -3.32 16.73 -23.87
N SER B 24 -2.89 16.32 -22.68
CA SER B 24 -2.63 17.28 -21.61
C SER B 24 -1.59 18.31 -22.03
N LEU B 25 -0.60 17.86 -22.80
CA LEU B 25 0.48 18.73 -23.26
C LEU B 25 0.07 19.84 -24.25
N SER B 26 -1.16 19.77 -24.79
CA SER B 26 -1.72 20.89 -25.55
C SER B 26 -1.93 22.14 -24.69
N LEU B 27 -1.87 21.97 -23.37
CA LEU B 27 -2.02 23.10 -22.44
C LEU B 27 -0.71 23.84 -22.24
N TRP B 28 0.39 23.28 -22.72
CA TRP B 28 1.68 23.94 -22.64
C TRP B 28 1.61 25.25 -23.39
N PRO B 29 1.80 26.39 -22.70
CA PRO B 29 1.56 27.70 -23.32
C PRO B 29 2.70 28.22 -24.21
N ILE B 30 3.86 27.57 -24.15
CA ILE B 30 5.04 28.03 -24.90
C ILE B 30 5.67 26.89 -25.69
N GLU B 31 6.64 27.23 -26.54
CA GLU B 31 7.43 26.24 -27.28
C GLU B 31 8.34 25.46 -26.34
N SER B 32 8.57 24.19 -26.67
CA SER B 32 9.38 23.30 -25.83
C SER B 32 9.90 22.13 -26.65
N GLU B 33 10.94 21.46 -26.14
CA GLU B 33 11.46 20.23 -26.72
C GLU B 33 11.27 19.08 -25.73
N ALA B 34 10.75 17.95 -26.21
CA ALA B 34 10.65 16.75 -25.39
C ALA B 34 11.71 15.74 -25.82
N PHE B 35 12.47 15.22 -24.85
CA PHE B 35 13.51 14.24 -25.13
C PHE B 35 13.78 13.33 -23.92
N TYR B 36 14.63 12.32 -24.10
CA TYR B 36 15.01 11.41 -23.03
C TYR B 36 16.48 11.55 -22.68
N VAL B 37 16.80 11.38 -21.40
CA VAL B 37 18.20 11.32 -20.95
C VAL B 37 18.52 9.99 -20.26
N SER B 38 19.79 9.60 -20.37
CA SER B 38 20.27 8.36 -19.78
C SER B 38 20.51 8.53 -18.28
N THR B 39 20.07 7.53 -17.52
CA THR B 39 20.38 7.42 -16.09
C THR B 39 20.55 5.93 -15.75
N ARG B 40 21.20 5.64 -14.63
CA ARG B 40 21.38 4.25 -14.23
C ARG B 40 20.05 3.58 -13.81
N PHE B 41 18.98 4.37 -13.72
CA PHE B 41 17.66 3.86 -13.35
C PHE B 41 16.67 3.94 -14.52
N GLY B 42 17.18 4.23 -15.72
CA GLY B 42 16.37 4.18 -16.95
C GLY B 42 16.22 5.50 -17.67
N LYS B 43 15.68 5.43 -18.88
CA LYS B 43 15.46 6.61 -19.73
C LYS B 43 14.47 7.58 -19.12
N THR B 44 14.94 8.78 -18.84
CA THR B 44 14.16 9.79 -18.13
C THR B 44 13.67 10.86 -19.09
N HIS B 45 12.35 11.04 -19.13
CA HIS B 45 11.71 12.02 -19.99
C HIS B 45 11.82 13.42 -19.46
N ILE B 46 12.26 14.33 -20.34
CA ILE B 46 12.45 15.77 -20.02
C ILE B 46 11.65 16.63 -20.99
N ILE B 47 11.01 17.68 -20.47
CA ILE B 47 10.47 18.78 -21.29
C ILE B 47 11.22 20.07 -20.97
N ALA B 48 11.96 20.56 -21.97
CA ALA B 48 12.82 21.73 -21.83
C ALA B 48 12.20 22.96 -22.49
N SER B 49 12.16 24.04 -21.73
CA SER B 49 11.62 25.33 -22.23
C SER B 49 12.53 26.48 -21.81
N GLY B 50 12.35 27.64 -22.45
CA GLY B 50 13.06 28.86 -22.07
C GLY B 50 14.37 29.04 -22.81
N PRO B 51 15.04 30.20 -22.61
CA PRO B 51 16.21 30.55 -23.41
C PRO B 51 17.36 29.63 -23.08
N LYS B 52 18.04 29.14 -24.11
CA LYS B 52 19.05 28.09 -23.95
C LYS B 52 20.26 28.51 -23.10
N ASP B 53 20.48 29.82 -22.98
CA ASP B 53 21.60 30.34 -22.19
C ASP B 53 21.19 30.91 -20.81
N ALA B 54 19.95 30.67 -20.39
CA ALA B 54 19.47 31.15 -19.09
C ALA B 54 19.87 30.19 -17.96
N PRO B 55 19.86 30.66 -16.69
CA PRO B 55 20.15 29.74 -15.57
C PRO B 55 19.16 28.57 -15.54
N SER B 56 19.63 27.41 -15.08
CA SER B 56 18.84 26.18 -15.11
C SER B 56 17.87 26.03 -13.93
N LEU B 57 16.67 25.54 -14.24
CA LEU B 57 15.65 25.25 -13.24
C LEU B 57 15.02 23.89 -13.51
N ILE B 58 15.25 22.94 -12.60
CA ILE B 58 14.69 21.59 -12.66
C ILE B 58 13.29 21.61 -12.04
N LEU B 59 12.29 21.07 -12.75
CA LEU B 59 10.93 20.96 -12.19
C LEU B 59 10.54 19.52 -11.90
N LEU B 60 10.09 19.25 -10.66
CA LEU B 60 9.66 17.89 -10.28
C LEU B 60 8.21 17.83 -9.80
N HIS B 61 7.37 17.12 -10.56
CA HIS B 61 5.92 17.08 -10.36
C HIS B 61 5.52 16.28 -9.12
N GLY B 62 4.23 16.36 -8.77
CA GLY B 62 3.68 15.52 -7.72
C GLY B 62 3.34 14.14 -8.23
N GLY B 63 3.17 13.19 -7.30
CA GLY B 63 2.85 11.82 -7.65
C GLY B 63 1.63 11.72 -8.55
N LEU B 64 1.74 10.92 -9.61
CA LEU B 64 0.64 10.63 -10.56
C LEU B 64 0.38 11.70 -11.62
N PHE B 65 0.97 12.89 -11.43
CA PHE B 65 0.66 14.07 -12.25
C PHE B 65 1.48 14.23 -13.52
N SER B 66 2.73 13.76 -13.50
CA SER B 66 3.67 13.97 -14.62
C SER B 66 4.02 15.46 -14.76
N SER B 67 4.97 15.76 -15.65
CA SER B 67 5.41 17.14 -15.92
C SER B 67 4.34 18.01 -16.59
N ALA B 68 3.33 17.36 -17.17
CA ALA B 68 2.15 18.06 -17.72
C ALA B 68 1.54 19.08 -16.76
N MET B 69 1.67 18.83 -15.45
CA MET B 69 1.01 19.67 -14.42
C MET B 69 1.60 21.08 -14.27
N TRP B 70 2.73 21.35 -14.91
CA TRP B 70 3.36 22.68 -14.86
C TRP B 70 2.86 23.68 -15.86
N TYR B 71 1.80 23.34 -16.60
CA TYR B 71 1.26 24.25 -17.64
C TYR B 71 0.91 25.68 -17.17
N PRO B 72 0.38 25.86 -15.94
CA PRO B 72 0.03 27.26 -15.63
C PRO B 72 1.17 28.05 -14.95
N ASN B 73 2.33 27.43 -14.83
CA ASN B 73 3.51 28.04 -14.21
C ASN B 73 4.65 28.22 -15.19
N ILE B 74 4.66 27.41 -16.25
CA ILE B 74 5.85 27.30 -17.10
C ILE B 74 6.19 28.56 -17.90
N ALA B 75 5.18 29.30 -18.36
CA ALA B 75 5.46 30.54 -19.09
C ALA B 75 6.20 31.52 -18.19
N ALA B 76 5.69 31.73 -16.98
CA ALA B 76 6.33 32.65 -16.04
C ALA B 76 7.79 32.22 -15.76
N TRP B 77 8.00 30.93 -15.54
CA TRP B 77 9.34 30.48 -15.14
C TRP B 77 10.33 30.36 -16.28
N SER B 78 9.83 30.11 -17.48
CA SER B 78 10.70 29.93 -18.65
C SER B 78 11.01 31.25 -19.34
N SER B 79 10.53 32.33 -18.73
CA SER B 79 10.86 33.66 -19.15
C SER B 79 12.30 33.98 -18.78
N GLN B 80 12.72 33.57 -17.59
CA GLN B 80 14.05 33.90 -17.08
C GLN B 80 14.95 32.68 -16.85
N PHE B 81 14.39 31.48 -16.99
CA PHE B 81 15.15 30.27 -16.71
C PHE B 81 15.07 29.26 -17.85
N ARG B 82 16.13 28.49 -18.03
CA ARG B 82 16.06 27.33 -18.91
C ARG B 82 15.49 26.21 -18.04
N THR B 83 14.23 25.89 -18.28
CA THR B 83 13.51 24.96 -17.42
C THR B 83 13.46 23.54 -17.98
N TYR B 84 13.77 22.59 -17.11
CA TYR B 84 13.70 21.18 -17.44
C TYR B 84 12.67 20.50 -16.55
N ALA B 85 11.51 20.16 -17.12
CA ALA B 85 10.50 19.46 -16.36
C ALA B 85 10.78 17.97 -16.46
N VAL B 86 11.10 17.37 -15.32
CA VAL B 86 11.61 15.99 -15.27
C VAL B 86 10.49 15.04 -14.81
N ASP B 87 10.24 14.01 -15.61
CA ASP B 87 9.30 12.95 -15.24
C ASP B 87 9.97 12.00 -14.27
N ILE B 88 9.42 11.91 -13.07
CA ILE B 88 10.02 11.06 -12.04
C ILE B 88 9.88 9.60 -12.41
N ILE B 89 11.02 8.94 -12.54
CA ILE B 89 11.07 7.57 -12.98
C ILE B 89 10.47 6.68 -11.89
N GLY B 90 9.66 5.70 -12.29
CA GLY B 90 8.97 4.82 -11.35
C GLY B 90 7.57 5.31 -11.02
N ASP B 91 7.17 6.42 -11.63
CA ASP B 91 5.82 6.96 -11.51
C ASP B 91 5.12 6.91 -12.87
N LYS B 92 3.81 7.19 -12.89
CA LYS B 92 3.02 7.10 -14.12
C LYS B 92 3.27 8.32 -15.00
N ASN B 93 4.15 8.13 -15.99
CA ASN B 93 4.60 9.21 -16.87
C ASN B 93 5.46 8.57 -17.96
N LYS B 94 6.22 9.39 -18.70
CA LYS B 94 6.96 8.90 -19.86
C LYS B 94 8.35 8.35 -19.56
N SER B 95 8.81 8.46 -18.32
CA SER B 95 10.10 7.87 -17.95
C SER B 95 9.99 6.33 -17.92
N ILE B 96 11.07 5.66 -18.34
CA ILE B 96 11.06 4.20 -18.51
C ILE B 96 12.02 3.55 -17.52
N PRO B 97 11.49 3.01 -16.42
CA PRO B 97 12.35 2.42 -15.40
C PRO B 97 13.12 1.21 -15.91
N SER B 98 14.41 1.15 -15.57
CA SER B 98 15.21 -0.05 -15.74
C SER B 98 15.41 -0.63 -14.34
N ALA B 99 16.58 -0.40 -13.73
CA ALA B 99 16.78 -0.76 -12.33
C ALA B 99 15.82 0.03 -11.43
N ALA B 100 15.18 -0.66 -10.50
CA ALA B 100 14.23 -0.05 -9.57
C ALA B 100 14.94 0.95 -8.64
N MET B 101 14.38 2.15 -8.57
CA MET B 101 14.86 3.20 -7.71
C MET B 101 14.18 3.04 -6.33
N GLU B 102 14.94 2.60 -5.34
CA GLU B 102 14.37 2.11 -4.08
C GLU B 102 14.63 3.00 -2.86
N THR B 103 15.88 3.39 -2.67
CA THR B 103 16.32 4.06 -1.45
C THR B 103 16.46 5.56 -1.71
N ARG B 104 16.58 6.32 -0.63
CA ARG B 104 16.80 7.77 -0.73
C ARG B 104 18.16 8.08 -1.36
N ALA B 105 19.15 7.22 -1.11
CA ALA B 105 20.42 7.31 -1.84
C ALA B 105 20.21 7.12 -3.35
N ASP B 106 19.40 6.14 -3.74
CA ASP B 106 19.01 5.94 -5.15
C ASP B 106 18.43 7.23 -5.78
N PHE B 107 17.47 7.86 -5.10
CA PHE B 107 16.79 9.03 -5.63
C PHE B 107 17.81 10.10 -6.02
N ALA B 108 18.73 10.41 -5.10
CA ALA B 108 19.74 11.43 -5.35
C ALA B 108 20.70 11.08 -6.49
N GLU B 109 21.06 9.79 -6.59
CA GLU B 109 21.92 9.31 -7.70
C GLU B 109 21.21 9.44 -9.05
N TRP B 110 19.93 9.11 -9.08
CA TRP B 110 19.12 9.32 -10.28
C TRP B 110 19.16 10.78 -10.70
N MET B 111 18.99 11.69 -9.75
CA MET B 111 18.98 13.12 -10.06
C MET B 111 20.36 13.61 -10.51
N LYS B 112 21.43 13.09 -9.89
CA LYS B 112 22.77 13.39 -10.37
C LYS B 112 22.93 12.97 -11.83
N ASP B 113 22.51 11.75 -12.16
CA ASP B 113 22.53 11.27 -13.55
C ASP B 113 21.74 12.20 -14.51
N VAL B 114 20.57 12.68 -14.08
CA VAL B 114 19.80 13.64 -14.87
C VAL B 114 20.64 14.92 -15.13
N PHE B 115 21.21 15.47 -14.05
CA PHE B 115 22.09 16.64 -14.11
C PHE B 115 23.27 16.43 -15.09
N ASP B 116 23.97 15.31 -14.92
CA ASP B 116 25.10 14.98 -15.80
C ASP B 116 24.70 14.86 -17.26
N SER B 117 23.62 14.14 -17.54
CA SER B 117 23.17 13.94 -18.92
C SER B 117 22.70 15.23 -19.58
N LEU B 118 22.25 16.18 -18.76
CA LEU B 118 21.88 17.52 -19.23
C LEU B 118 23.09 18.45 -19.25
N GLY B 119 24.21 17.99 -18.67
CA GLY B 119 25.45 18.74 -18.67
C GLY B 119 25.46 19.89 -17.66
N LEU B 120 24.64 19.80 -16.62
CA LEU B 120 24.52 20.84 -15.60
C LEU B 120 25.45 20.58 -14.41
N GLU B 121 26.15 21.63 -13.97
CA GLU B 121 26.92 21.56 -12.74
C GLU B 121 26.02 21.83 -11.53
N THR B 122 25.24 22.92 -11.59
CA THR B 122 24.27 23.26 -10.56
C THR B 122 22.95 23.67 -11.22
N ALA B 123 21.91 23.85 -10.39
CA ALA B 123 20.59 24.27 -10.88
C ALA B 123 19.70 24.67 -9.72
N HIS B 124 18.71 25.51 -10.02
CA HIS B 124 17.58 25.68 -9.14
C HIS B 124 16.69 24.48 -9.29
N LEU B 125 15.93 24.18 -8.25
CA LEU B 125 14.94 23.11 -8.31
C LEU B 125 13.62 23.61 -7.72
N ALA B 126 12.51 23.18 -8.32
CA ALA B 126 11.19 23.46 -7.78
C ALA B 126 10.32 22.22 -7.95
N GLY B 127 9.52 21.92 -6.92
CA GLY B 127 8.73 20.70 -6.97
C GLY B 127 7.54 20.69 -6.05
N LEU B 128 6.60 19.82 -6.39
CA LEU B 128 5.38 19.68 -5.62
C LEU B 128 5.27 18.26 -5.09
N SER B 129 4.85 18.15 -3.82
CA SER B 129 4.52 16.86 -3.25
C SER B 129 5.69 15.87 -3.34
N LEU B 130 5.52 14.75 -4.05
CA LEU B 130 6.64 13.83 -4.31
C LEU B 130 7.92 14.53 -4.83
N GLY B 131 7.79 15.40 -5.81
CA GLY B 131 8.95 16.10 -6.35
C GLY B 131 9.58 17.02 -5.32
N GLY B 132 8.73 17.62 -4.48
CA GLY B 132 9.20 18.42 -3.36
C GLY B 132 10.07 17.61 -2.38
N SER B 133 9.64 16.39 -2.07
CA SER B 133 10.43 15.51 -1.18
C SER B 133 11.71 15.04 -1.85
N HIS B 134 11.66 14.79 -3.16
CA HIS B 134 12.90 14.56 -3.93
C HIS B 134 13.88 15.69 -3.79
N ILE B 135 13.36 16.92 -3.84
CA ILE B 135 14.22 18.10 -3.76
C ILE B 135 14.89 18.24 -2.39
N VAL B 136 14.14 18.03 -1.31
CA VAL B 136 14.70 18.09 0.05
C VAL B 136 15.80 17.04 0.20
N ASN B 137 15.50 15.82 -0.25
CA ASN B 137 16.47 14.72 -0.26
C ASN B 137 17.73 15.08 -1.03
N PHE B 138 17.54 15.71 -2.19
CA PHE B 138 18.65 16.08 -3.10
C PHE B 138 19.57 17.18 -2.54
N LEU B 139 18.99 18.21 -1.93
CA LEU B 139 19.80 19.29 -1.38
C LEU B 139 20.55 18.84 -0.13
N LEU B 140 20.03 17.80 0.53
CA LEU B 140 20.71 17.18 1.66
C LEU B 140 21.90 16.37 1.21
N ARG B 141 21.71 15.58 0.16
CA ARG B 141 22.73 14.67 -0.30
C ARG B 141 23.67 15.29 -1.35
N ALA B 142 23.22 16.32 -2.05
CA ALA B 142 24.04 16.91 -3.11
C ALA B 142 23.95 18.43 -3.09
N PRO B 143 24.29 19.06 -1.95
CA PRO B 143 24.08 20.50 -1.85
C PRO B 143 24.89 21.24 -2.90
N GLU B 144 26.04 20.67 -3.26
CA GLU B 144 26.96 21.30 -4.23
C GLU B 144 26.36 21.39 -5.65
N ARG B 145 25.24 20.69 -5.88
CA ARG B 145 24.55 20.72 -7.17
C ARG B 145 23.34 21.66 -7.16
N VAL B 146 23.06 22.26 -6.01
CA VAL B 146 21.86 23.07 -5.84
C VAL B 146 22.17 24.55 -5.69
N GLU B 147 21.43 25.38 -6.43
CA GLU B 147 21.43 26.82 -6.23
C GLU B 147 20.41 27.17 -5.14
N ARG B 148 19.16 27.37 -5.54
CA ARG B 148 18.06 27.61 -4.61
C ARG B 148 16.97 26.55 -4.83
N ALA B 149 16.28 26.18 -3.75
CA ALA B 149 15.31 25.10 -3.81
C ALA B 149 13.93 25.55 -3.34
N VAL B 150 12.90 25.12 -4.08
CA VAL B 150 11.51 25.45 -3.79
C VAL B 150 10.74 24.16 -3.54
N VAL B 151 10.11 24.07 -2.37
CA VAL B 151 9.40 22.87 -1.95
C VAL B 151 7.94 23.24 -1.69
N ILE B 152 7.05 22.72 -2.52
CA ILE B 152 5.61 23.01 -2.41
C ILE B 152 4.83 21.75 -2.04
N SER B 153 4.06 21.85 -0.96
CA SER B 153 3.18 20.78 -0.49
C SER B 153 3.91 19.43 -0.51
N PRO B 154 5.06 19.34 0.17
CA PRO B 154 5.88 18.13 0.14
C PRO B 154 5.11 16.91 0.65
N ALA B 155 5.35 15.76 0.02
CA ALA B 155 4.82 14.49 0.50
C ALA B 155 5.62 14.12 1.76
N GLU B 156 5.01 14.39 2.93
CA GLU B 156 5.69 14.26 4.23
C GLU B 156 6.90 15.19 4.35
N ALA B 157 8.08 14.62 4.54
CA ALA B 157 9.34 15.37 4.68
C ALA B 157 9.47 16.19 5.98
N PHE B 158 8.49 17.05 6.25
CA PHE B 158 8.51 17.88 7.46
C PHE B 158 7.59 17.39 8.58
N ILE B 159 6.55 16.62 8.22
CA ILE B 159 5.62 16.03 9.17
C ILE B 159 4.95 14.78 8.56
N SER B 160 4.47 13.88 9.44
CA SER B 160 3.82 12.62 9.07
C SER B 160 2.48 12.81 8.39
N PHE B 161 2.15 11.90 7.47
CA PHE B 161 0.82 11.89 6.85
C PHE B 161 -0.25 11.61 7.89
N HIS B 162 -1.46 12.13 7.67
CA HIS B 162 -2.66 11.54 8.29
C HIS B 162 -2.71 10.10 7.86
N PRO B 163 -3.11 9.19 8.77
CA PRO B 163 -3.33 7.78 8.42
C PRO B 163 -4.17 7.59 7.15
N ASP B 164 -5.23 8.38 7.01
CA ASP B 164 -6.06 8.46 5.77
C ASP B 164 -5.30 8.31 4.46
N VAL B 165 -4.18 9.04 4.35
CA VAL B 165 -3.38 9.08 3.12
C VAL B 165 -3.10 7.67 2.58
N TYR B 166 -2.75 6.77 3.50
CA TYR B 166 -2.43 5.41 3.15
C TYR B 166 -3.62 4.66 2.54
N LYS B 167 -4.84 4.96 2.99
CA LYS B 167 -6.01 4.32 2.39
C LYS B 167 -6.22 4.79 0.94
N TYR B 168 -6.15 6.08 0.71
CA TYR B 168 -6.23 6.62 -0.65
C TYR B 168 -5.14 6.04 -1.57
N ALA B 169 -3.90 5.96 -1.07
CA ALA B 169 -2.81 5.34 -1.82
C ALA B 169 -3.13 3.88 -2.17
N ALA B 170 -3.63 3.12 -1.20
CA ALA B 170 -3.93 1.69 -1.38
C ALA B 170 -5.02 1.40 -2.40
N GLU B 171 -5.94 2.36 -2.55
CA GLU B 171 -7.07 2.20 -3.45
C GLU B 171 -6.80 2.66 -4.89
N LEU B 172 -5.54 2.95 -5.19
CA LEU B 172 -5.13 3.37 -6.54
C LEU B 172 -4.90 2.15 -7.43
N THR B 173 -5.97 1.41 -7.67
CA THR B 173 -5.90 0.16 -8.41
C THR B 173 -6.72 0.20 -9.68
N GLY B 174 -7.51 1.26 -9.84
CA GLY B 174 -8.41 1.42 -10.98
C GLY B 174 -8.96 2.84 -11.02
N ALA B 175 -9.89 3.10 -11.95
CA ALA B 175 -10.44 4.44 -12.15
C ALA B 175 -11.16 4.97 -10.93
N ARG B 176 -11.92 4.12 -10.26
CA ARG B 176 -12.74 4.52 -9.11
C ARG B 176 -11.86 5.02 -7.97
N GLY B 177 -10.77 4.31 -7.70
CA GLY B 177 -9.80 4.74 -6.71
C GLY B 177 -9.12 6.05 -7.09
N ALA B 178 -8.79 6.20 -8.37
CA ALA B 178 -8.15 7.43 -8.86
C ALA B 178 -9.04 8.67 -8.67
N GLU B 179 -10.32 8.53 -8.97
CA GLU B 179 -11.26 9.64 -8.82
C GLU B 179 -11.50 9.97 -7.35
N SER B 180 -11.55 8.94 -6.52
CA SER B 180 -11.64 9.11 -5.06
C SER B 180 -10.46 9.94 -4.55
N TYR B 181 -9.27 9.60 -5.02
CA TYR B 181 -8.04 10.29 -4.64
C TYR B 181 -8.09 11.75 -5.04
N ILE B 182 -8.49 11.99 -6.28
CA ILE B 182 -8.56 13.33 -6.86
C ILE B 182 -9.55 14.20 -6.12
N LYS B 183 -10.72 13.65 -5.81
CA LYS B 183 -11.78 14.40 -5.14
C LYS B 183 -11.29 14.81 -3.75
N TRP B 184 -10.55 13.92 -3.10
CA TRP B 184 -10.01 14.17 -1.78
C TRP B 184 -8.89 15.17 -1.81
N ILE B 185 -7.90 14.95 -2.66
CA ILE B 185 -6.72 15.81 -2.72
C ILE B 185 -6.97 17.25 -3.25
N THR B 186 -7.89 17.41 -4.20
CA THR B 186 -8.20 18.75 -4.73
C THR B 186 -8.98 19.58 -3.73
N GLY B 187 -9.89 18.94 -2.99
CA GLY B 187 -10.78 19.64 -2.06
C GLY B 187 -12.02 20.17 -2.77
N ASP B 188 -12.95 20.75 -2.01
CA ASP B 188 -14.25 21.17 -2.55
C ASP B 188 -14.25 22.41 -3.44
N SER B 189 -13.20 23.22 -3.39
CA SER B 189 -13.16 24.47 -4.16
C SER B 189 -12.28 24.43 -5.41
N TYR B 190 -11.62 23.30 -5.66
CA TYR B 190 -10.79 23.18 -6.85
C TYR B 190 -11.12 21.96 -7.69
N ASP B 191 -11.23 22.15 -8.99
CA ASP B 191 -11.33 21.06 -9.96
C ASP B 191 -10.14 21.13 -10.88
N LEU B 192 -9.55 19.97 -11.18
CA LEU B 192 -8.46 19.90 -12.15
C LEU B 192 -9.03 20.29 -13.50
N HIS B 193 -8.18 20.73 -14.42
CA HIS B 193 -8.54 20.79 -15.83
C HIS B 193 -8.97 19.40 -16.25
N PRO B 194 -10.04 19.29 -17.04
CA PRO B 194 -10.53 17.97 -17.50
C PRO B 194 -9.45 17.07 -18.11
N LEU B 195 -8.53 17.66 -18.85
CA LEU B 195 -7.42 16.90 -19.46
C LEU B 195 -6.48 16.28 -18.42
N LEU B 196 -6.22 17.00 -17.34
CA LEU B 196 -5.39 16.47 -16.25
C LEU B 196 -6.13 15.40 -15.46
N GLN B 197 -7.41 15.64 -15.22
CA GLN B 197 -8.33 14.67 -14.65
C GLN B 197 -8.28 13.35 -15.42
N ARG B 198 -8.44 13.41 -16.75
CA ARG B 198 -8.49 12.20 -17.56
C ARG B 198 -7.15 11.48 -17.59
N GLN B 199 -6.05 12.24 -17.68
CA GLN B 199 -4.72 11.66 -17.69
C GLN B 199 -4.39 10.87 -16.43
N ILE B 200 -4.63 11.49 -15.28
CA ILE B 200 -4.35 10.84 -13.99
C ILE B 200 -5.15 9.55 -13.83
N VAL B 201 -6.44 9.60 -14.16
CA VAL B 201 -7.29 8.40 -14.13
C VAL B 201 -6.74 7.31 -15.07
N ALA B 202 -6.45 7.70 -16.32
CA ALA B 202 -5.80 6.79 -17.29
C ALA B 202 -4.46 6.22 -16.79
N GLY B 203 -3.72 7.02 -16.01
CA GLY B 203 -2.46 6.58 -15.42
C GLY B 203 -2.64 5.45 -14.42
N VAL B 204 -3.57 5.66 -13.49
CA VAL B 204 -3.89 4.65 -12.48
C VAL B 204 -4.50 3.40 -13.14
N GLU B 205 -5.31 3.59 -14.18
CA GLU B 205 -5.92 2.47 -14.89
C GLU B 205 -4.87 1.57 -15.54
N TRP B 206 -3.77 2.17 -15.98
CA TRP B 206 -2.67 1.43 -16.58
C TRP B 206 -1.96 0.63 -15.52
N GLN B 207 -2.08 -0.69 -15.62
CA GLN B 207 -1.45 -1.63 -14.71
C GLN B 207 0.01 -1.85 -15.05
N ASP B 208 0.91 -1.10 -14.42
CA ASP B 208 2.33 -1.32 -14.58
C ASP B 208 3.04 -1.16 -13.24
N GLU B 209 3.55 -2.28 -12.72
CA GLU B 209 4.22 -2.34 -11.42
C GLU B 209 5.48 -1.46 -11.35
N GLN B 210 6.21 -1.43 -12.47
CA GLN B 210 7.44 -0.64 -12.59
C GLN B 210 7.19 0.87 -12.51
N ARG B 211 5.96 1.30 -12.79
CA ARG B 211 5.60 2.72 -12.75
C ARG B 211 4.59 3.02 -11.64
N SER B 212 4.47 2.10 -10.70
CA SER B 212 3.55 2.26 -9.56
C SER B 212 4.31 2.62 -8.31
N LEU B 213 4.05 3.83 -7.82
CA LEU B 213 4.65 4.33 -6.59
C LEU B 213 4.32 3.40 -5.45
N LYS B 214 5.31 3.17 -4.60
CA LYS B 214 5.25 2.16 -3.55
C LYS B 214 6.16 2.56 -2.39
N PRO B 215 5.66 2.43 -1.15
CA PRO B 215 6.52 2.64 0.02
C PRO B 215 7.70 1.65 0.01
N THR B 216 8.91 2.14 0.20
CA THR B 216 10.06 1.25 0.34
C THR B 216 10.78 1.50 1.64
N GLU B 217 11.46 0.45 2.10
CA GLU B 217 12.20 0.43 3.35
C GLU B 217 12.97 1.73 3.64
N ASN B 218 13.98 2.02 2.82
CA ASN B 218 14.77 3.23 3.07
C ASN B 218 14.58 4.28 1.97
N GLY B 219 13.33 4.39 1.50
CA GLY B 219 12.94 5.39 0.49
C GLY B 219 11.88 6.36 1.00
N PHE B 220 10.80 6.48 0.23
CA PHE B 220 9.67 7.30 0.62
C PHE B 220 8.47 6.42 0.98
N PRO B 221 7.47 6.95 1.72
CA PRO B 221 7.47 8.31 2.27
C PRO B 221 8.39 8.45 3.48
N TYR B 222 8.86 9.66 3.75
CA TYR B 222 9.87 9.87 4.78
C TYR B 222 9.74 11.25 5.43
N VAL B 223 9.85 11.29 6.76
CA VAL B 223 9.95 12.54 7.53
C VAL B 223 11.43 12.75 7.92
N PHE B 224 12.02 13.85 7.46
CA PHE B 224 13.42 14.14 7.78
C PHE B 224 13.62 14.46 9.26
N THR B 225 14.68 13.90 9.85
CA THR B 225 14.94 14.07 11.28
C THR B 225 15.33 15.52 11.59
N ASP B 226 15.30 15.89 12.87
CA ASP B 226 15.83 17.16 13.32
C ASP B 226 17.29 17.31 12.87
N GLN B 227 18.05 16.22 13.02
CA GLN B 227 19.45 16.15 12.61
C GLN B 227 19.65 16.48 11.14
N GLU B 228 18.84 15.90 10.26
CA GLU B 228 18.97 16.17 8.82
C GLU B 228 18.58 17.61 8.48
N LEU B 229 17.43 18.06 8.98
CA LEU B 229 16.91 19.39 8.64
C LEU B 229 17.80 20.53 9.13
N LYS B 230 18.41 20.37 10.31
CA LYS B 230 19.36 21.37 10.81
C LYS B 230 20.62 21.54 9.94
N SER B 231 20.96 20.50 9.18
CA SER B 231 22.18 20.49 8.34
C SER B 231 22.01 21.13 6.95
N ILE B 232 20.78 21.46 6.59
CA ILE B 232 20.49 22.07 5.30
C ILE B 232 21.34 23.33 5.08
N GLN B 233 22.03 23.35 3.95
CA GLN B 233 23.01 24.37 3.56
C GLN B 233 22.56 25.32 2.44
N VAL B 234 21.34 25.20 1.93
CA VAL B 234 20.95 25.96 0.73
C VAL B 234 19.66 26.73 0.97
N PRO B 235 19.47 27.86 0.26
CA PRO B 235 18.21 28.59 0.42
C PRO B 235 16.99 27.75 -0.01
N VAL B 236 16.04 27.61 0.90
CA VAL B 236 14.82 26.87 0.64
C VAL B 236 13.62 27.82 0.77
N LEU B 237 12.71 27.71 -0.19
CA LEU B 237 11.37 28.26 -0.10
C LEU B 237 10.40 27.09 0.04
N LEU B 238 9.66 27.09 1.14
CA LEU B 238 8.71 26.03 1.45
C LEU B 238 7.30 26.60 1.53
N MET B 239 6.38 26.00 0.77
CA MET B 239 5.02 26.50 0.67
C MET B 239 3.99 25.42 0.99
N PHE B 240 3.04 25.73 1.86
CA PHE B 240 1.88 24.85 2.10
C PHE B 240 0.58 25.57 1.74
N GLY B 241 -0.46 24.80 1.46
CA GLY B 241 -1.83 25.35 1.33
C GLY B 241 -2.55 25.23 2.66
N GLU B 242 -3.32 26.26 3.03
CA GLU B 242 -4.04 26.25 4.31
C GLU B 242 -5.05 25.11 4.45
N HIS B 243 -5.49 24.58 3.30
CA HIS B 243 -6.43 23.46 3.22
C HIS B 243 -5.79 22.10 2.92
N GLU B 244 -4.47 21.98 3.10
CA GLU B 244 -3.74 20.71 2.88
C GLU B 244 -4.42 19.51 3.54
N ALA B 245 -4.88 18.55 2.73
CA ALA B 245 -5.64 17.41 3.21
C ALA B 245 -4.78 16.24 3.70
N MET B 246 -3.49 16.26 3.38
CA MET B 246 -2.61 15.11 3.58
C MET B 246 -1.92 15.07 4.95
N TYR B 247 -1.88 16.21 5.65
CA TYR B 247 -1.22 16.32 6.96
C TYR B 247 -1.55 17.64 7.67
N HIS B 248 -1.01 17.83 8.87
CA HIS B 248 -1.19 19.10 9.61
C HIS B 248 -0.18 20.10 9.20
N GLN B 249 -0.48 20.87 8.17
CA GLN B 249 0.52 21.78 7.61
C GLN B 249 1.04 22.84 8.60
N GLN B 250 0.27 23.12 9.65
CA GLN B 250 0.73 24.06 10.70
C GLN B 250 1.95 23.49 11.42
N MET B 251 1.85 22.24 11.86
CA MET B 251 2.96 21.53 12.51
C MET B 251 4.18 21.38 11.59
N ALA B 252 3.94 21.16 10.30
CA ALA B 252 5.00 21.03 9.32
C ALA B 252 5.71 22.36 9.13
N PHE B 253 4.93 23.43 9.07
CA PHE B 253 5.48 24.79 8.95
C PHE B 253 6.28 25.17 10.18
N GLU B 254 5.71 24.92 11.35
CA GLU B 254 6.36 25.27 12.62
C GLU B 254 7.69 24.53 12.78
N ARG B 255 7.68 23.22 12.51
CA ARG B 255 8.88 22.40 12.59
C ARG B 255 10.00 22.87 11.62
N ALA B 256 9.65 23.08 10.36
CA ALA B 256 10.61 23.56 9.36
C ALA B 256 11.16 24.94 9.70
N SER B 257 10.28 25.83 10.15
CA SER B 257 10.68 27.18 10.55
C SER B 257 11.73 27.17 11.65
N VAL B 258 11.58 26.26 12.60
CA VAL B 258 12.52 26.13 13.72
C VAL B 258 13.83 25.51 13.27
N LEU B 259 13.76 24.52 12.40
CA LEU B 259 14.93 23.68 12.15
C LEU B 259 15.82 24.09 10.97
N VAL B 260 15.23 24.55 9.87
CA VAL B 260 15.98 24.78 8.65
C VAL B 260 16.53 26.20 8.64
N PRO B 261 17.88 26.36 8.63
CA PRO B 261 18.47 27.70 8.69
C PRO B 261 18.18 28.55 7.43
N GLY B 262 17.77 29.80 7.63
CA GLY B 262 17.43 30.70 6.53
C GLY B 262 16.14 30.40 5.76
N ILE B 263 15.42 29.34 6.14
CA ILE B 263 14.21 28.93 5.39
C ILE B 263 13.18 30.05 5.27
N GLN B 264 12.55 30.14 4.10
CA GLN B 264 11.37 30.96 3.94
C GLN B 264 10.18 30.04 3.79
N ALA B 265 9.35 29.98 4.82
CA ALA B 265 8.21 29.06 4.87
C ALA B 265 6.90 29.83 5.05
N GLU B 266 5.85 29.38 4.36
CA GLU B 266 4.55 30.04 4.42
C GLU B 266 3.41 29.09 4.18
N ILE B 267 2.23 29.53 4.63
CA ILE B 267 0.99 28.81 4.41
C ILE B 267 0.04 29.75 3.67
N VAL B 268 -0.43 29.30 2.50
CA VAL B 268 -1.13 30.17 1.56
C VAL B 268 -2.64 30.00 1.69
N LYS B 269 -3.36 31.13 1.83
CA LYS B 269 -4.82 31.16 1.91
C LYS B 269 -5.49 30.59 0.67
N ASN B 270 -6.64 29.95 0.88
CA ASN B 270 -7.54 29.52 -0.20
C ASN B 270 -6.87 28.55 -1.15
N ALA B 271 -6.05 27.68 -0.59
CA ALA B 271 -5.38 26.66 -1.37
C ALA B 271 -5.27 25.41 -0.54
N GLY B 272 -5.28 24.25 -1.22
CA GLY B 272 -5.00 22.98 -0.56
C GLY B 272 -3.64 22.43 -0.98
N HIS B 273 -3.57 21.11 -1.13
CA HIS B 273 -2.33 20.42 -1.56
C HIS B 273 -1.82 20.90 -2.89
N LEU B 274 -2.73 21.13 -3.84
CA LEU B 274 -2.38 21.41 -5.23
C LEU B 274 -2.12 22.89 -5.50
N LEU B 275 -1.21 23.45 -4.71
CA LEU B 275 -1.05 24.90 -4.62
C LEU B 275 -0.60 25.53 -5.94
N SER B 276 0.29 24.86 -6.65
CA SER B 276 0.79 25.41 -7.92
C SER B 276 -0.30 25.42 -9.01
N LEU B 277 -1.30 24.56 -8.87
CA LEU B 277 -2.43 24.54 -9.80
C LEU B 277 -3.53 25.47 -9.32
N GLU B 278 -3.69 25.52 -8.00
CA GLU B 278 -4.81 26.23 -7.40
C GLU B 278 -4.60 27.75 -7.35
N GLN B 279 -3.36 28.16 -7.04
CA GLN B 279 -3.02 29.59 -6.97
C GLN B 279 -1.80 29.90 -7.85
N PRO B 280 -1.91 29.64 -9.18
CA PRO B 280 -0.75 29.79 -10.04
C PRO B 280 -0.23 31.22 -10.11
N GLU B 281 -1.10 32.24 -10.04
CA GLU B 281 -0.61 33.63 -10.11
C GLU B 281 0.33 33.96 -8.95
N TYR B 282 -0.09 33.61 -7.74
CA TYR B 282 0.75 33.83 -6.56
C TYR B 282 2.03 32.99 -6.61
N VAL B 283 1.89 31.68 -6.78
CA VAL B 283 3.03 30.75 -6.82
C VAL B 283 4.05 31.16 -7.89
N ASN B 284 3.58 31.57 -9.07
CA ASN B 284 4.48 31.99 -10.16
C ASN B 284 5.43 33.12 -9.74
N GLN B 285 4.85 34.24 -9.30
CA GLN B 285 5.63 35.37 -8.83
C GLN B 285 6.45 35.08 -7.56
N ARG B 286 5.87 34.35 -6.62
CA ARG B 286 6.57 34.04 -5.34
C ARG B 286 7.86 33.26 -5.58
N VAL B 287 7.79 32.29 -6.49
CA VAL B 287 8.93 31.50 -6.91
C VAL B 287 9.95 32.33 -7.69
N LEU B 288 9.50 33.14 -8.65
CA LEU B 288 10.40 34.03 -9.38
C LEU B 288 11.13 34.99 -8.45
N SER B 289 10.39 35.57 -7.52
CA SER B 289 11.00 36.47 -6.52
C SER B 289 12.10 35.74 -5.76
N PHE B 290 11.77 34.53 -5.28
CA PHE B 290 12.70 33.74 -4.48
C PHE B 290 13.92 33.30 -5.29
N LEU B 291 13.69 32.73 -6.47
CA LEU B 291 14.80 32.23 -7.29
C LEU B 291 15.81 33.31 -7.70
N CYS B 292 15.32 34.54 -7.89
CA CYS B 292 16.16 35.67 -8.29
C CYS B 292 16.72 36.45 -7.10
N GLY B 293 16.56 35.91 -5.89
CA GLY B 293 16.96 36.59 -4.66
C GLY B 293 18.40 36.36 -4.23
N GLY B 294 19.14 35.59 -5.02
CA GLY B 294 20.54 35.27 -4.70
C GLY B 294 21.51 36.43 -4.85
N ILE B 295 22.64 36.30 -4.16
CA ILE B 295 23.77 37.27 -4.10
C ILE B 295 23.38 38.72 -3.77
#